data_1WVQ
#
_entry.id   1WVQ
#
_cell.length_a   120.036
_cell.length_b   120.036
_cell.length_c   156.468
_cell.angle_alpha   90.00
_cell.angle_beta   90.00
_cell.angle_gamma   90.00
#
_symmetry.space_group_name_H-M   'I 41 2 2'
#
loop_
_entity.id
_entity.type
_entity.pdbx_description
1 polymer 'hypothetical protein PAE2307'
2 non-polymer 'PHOSPHATE ION'
3 water water
#
_entity_poly.entity_id   1
_entity_poly.type   'polypeptide(L)'
_entity_poly.pdbx_seq_one_letter_code
;MTDMSIKFELIDVPIPQGTNVIIGQAHFIKTVEDLYEALVTSVPGVKFGIAFCEASGKRLVRHEANDEELRNLAIDLCKK
IAAG(NEP)VFVIYIRNAWPINVLNAIKNVPEVVRIFAATANPLKVIVAEVEPERRGVVGVVDGHSPLGVETEKDREERK
KFLREVVKYKL
;
_entity_poly.pdbx_strand_id   A,B,C
#
# COMPACT_ATOMS: atom_id res chain seq x y z
N SER A 5 -25.55 -6.95 0.07
CA SER A 5 -24.21 -7.45 -0.35
C SER A 5 -23.17 -6.35 -0.27
N ILE A 6 -22.20 -6.37 -1.19
CA ILE A 6 -21.16 -5.36 -1.21
C ILE A 6 -21.58 -4.11 -1.99
N LYS A 7 -21.69 -3.00 -1.28
CA LYS A 7 -22.09 -1.73 -1.89
C LYS A 7 -20.91 -0.75 -2.01
N PHE A 8 -20.77 -0.15 -3.18
CA PHE A 8 -19.71 0.82 -3.42
C PHE A 8 -20.22 2.24 -3.34
N GLU A 9 -19.47 3.09 -2.63
CA GLU A 9 -19.79 4.50 -2.42
C GLU A 9 -18.60 5.36 -2.86
N LEU A 10 -18.89 6.58 -3.33
CA LEU A 10 -17.85 7.52 -3.72
C LEU A 10 -17.87 8.71 -2.77
N ILE A 11 -16.71 9.06 -2.23
CA ILE A 11 -16.61 10.18 -1.31
C ILE A 11 -15.75 11.28 -1.94
N ASP A 12 -16.31 12.47 -2.09
CA ASP A 12 -15.54 13.55 -2.67
C ASP A 12 -14.69 14.17 -1.58
N VAL A 13 -13.42 14.41 -1.87
CA VAL A 13 -12.51 14.99 -0.89
C VAL A 13 -12.25 16.47 -1.14
N PRO A 14 -12.68 17.34 -0.21
CA PRO A 14 -12.46 18.78 -0.37
C PRO A 14 -10.99 19.12 -0.11
N ILE A 15 -10.38 19.90 -0.99
CA ILE A 15 -8.99 20.30 -0.79
C ILE A 15 -8.84 21.79 -1.06
N PRO A 16 -8.87 22.62 -0.01
CA PRO A 16 -8.73 24.08 -0.17
C PRO A 16 -7.39 24.41 -0.81
N GLN A 17 -7.33 25.52 -1.54
CA GLN A 17 -6.09 25.92 -2.18
C GLN A 17 -5.02 26.14 -1.11
N GLY A 18 -3.83 25.61 -1.37
CA GLY A 18 -2.74 25.76 -0.41
C GLY A 18 -2.64 24.58 0.53
N THR A 19 -3.52 23.61 0.39
CA THR A 19 -3.45 22.44 1.25
C THR A 19 -3.22 21.18 0.45
N ASN A 20 -2.78 20.15 1.15
CA ASN A 20 -2.56 18.83 0.56
C ASN A 20 -3.21 17.88 1.54
N VAL A 21 -3.70 16.76 1.02
CA VAL A 21 -4.33 15.76 1.86
C VAL A 21 -3.56 14.46 1.72
N ILE A 22 -3.45 13.74 2.83
CA ILE A 22 -2.79 12.44 2.86
C ILE A 22 -3.80 11.53 3.55
N ILE A 23 -4.17 10.45 2.87
CA ILE A 23 -5.14 9.50 3.41
C ILE A 23 -4.49 8.12 3.45
N GLY A 24 -4.68 7.42 4.56
CA GLY A 24 -4.08 6.11 4.68
C GLY A 24 -4.81 5.18 5.65
N GLN A 25 -4.14 4.09 5.99
CA GLN A 25 -4.71 3.11 6.92
C GLN A 25 -3.63 2.72 7.92
N ALA A 26 -4.04 2.58 9.17
CA ALA A 26 -3.12 2.21 10.24
C ALA A 26 -3.83 1.22 11.15
N HIS A 27 -3.55 1.34 12.45
CA HIS A 27 -4.18 0.48 13.45
C HIS A 27 -3.67 0.94 14.81
N PHE A 28 -4.46 0.68 15.85
CA PHE A 28 -4.11 1.04 17.22
C PHE A 28 -4.24 2.54 17.49
N ILE A 29 -4.83 2.85 18.64
CA ILE A 29 -5.08 4.22 19.06
C ILE A 29 -3.84 5.13 19.09
N LYS A 30 -2.67 4.56 19.32
CA LYS A 30 -1.45 5.36 19.37
C LYS A 30 -1.17 6.04 18.03
N THR A 31 -1.81 5.57 16.97
CA THR A 31 -1.63 6.16 15.64
C THR A 31 -1.77 7.69 15.63
N VAL A 32 -2.81 8.19 16.31
CA VAL A 32 -3.04 9.63 16.31
C VAL A 32 -1.87 10.42 16.90
N GLU A 33 -1.27 9.94 17.97
CA GLU A 33 -0.14 10.64 18.57
C GLU A 33 1.12 10.49 17.73
N ASP A 34 1.35 9.30 17.20
CA ASP A 34 2.55 9.10 16.39
C ASP A 34 2.52 9.93 15.10
N LEU A 35 1.34 10.08 14.50
CA LEU A 35 1.23 10.88 13.29
C LEU A 35 1.41 12.36 13.64
N TYR A 36 0.88 12.78 14.78
CA TYR A 36 1.04 14.17 15.20
C TYR A 36 2.53 14.47 15.31
N GLU A 37 3.27 13.56 15.94
CA GLU A 37 4.70 13.73 16.12
C GLU A 37 5.47 13.73 14.81
N ALA A 38 5.12 12.83 13.91
CA ALA A 38 5.78 12.75 12.62
C ALA A 38 5.67 14.08 11.88
N LEU A 39 4.50 14.71 11.99
CA LEU A 39 4.27 15.98 11.32
C LEU A 39 5.00 17.16 11.96
N VAL A 40 4.79 17.36 13.26
CA VAL A 40 5.42 18.50 13.94
C VAL A 40 6.94 18.47 13.97
N THR A 41 7.55 17.29 13.92
CA THR A 41 9.00 17.18 13.95
C THR A 41 9.62 17.18 12.56
N SER A 42 8.79 17.25 11.53
CA SER A 42 9.29 17.24 10.16
C SER A 42 9.56 18.62 9.59
N VAL A 43 8.66 19.57 9.86
CA VAL A 43 8.78 20.94 9.36
C VAL A 43 8.43 21.95 10.44
N PRO A 44 9.32 22.94 10.68
CA PRO A 44 9.05 23.95 11.71
C PRO A 44 7.69 24.65 11.69
N GLY A 45 7.31 25.21 10.55
CA GLY A 45 6.04 25.93 10.51
C GLY A 45 4.82 25.20 9.97
N VAL A 46 4.86 23.88 9.94
CA VAL A 46 3.73 23.14 9.40
C VAL A 46 2.43 23.36 10.17
N LYS A 47 1.34 23.51 9.42
CA LYS A 47 0.02 23.66 10.01
C LYS A 47 -0.69 22.40 9.57
N PHE A 48 -1.41 21.75 10.47
CA PHE A 48 -2.05 20.50 10.10
C PHE A 48 -3.24 20.10 10.96
N GLY A 49 -3.94 19.09 10.47
CA GLY A 49 -5.06 18.52 11.17
C GLY A 49 -4.95 17.03 10.86
N ILE A 50 -5.04 16.20 11.89
CA ILE A 50 -4.95 14.75 11.68
C ILE A 50 -6.09 14.07 12.43
N ALA A 51 -6.77 13.16 11.74
CA ALA A 51 -7.88 12.42 12.34
C ALA A 51 -7.70 10.94 12.03
N PHE A 52 -8.06 10.10 12.99
CA PHE A 52 -7.92 8.65 12.86
C PHE A 52 -9.18 7.93 13.30
N CYS A 53 -9.64 6.97 12.49
CA CYS A 53 -10.85 6.21 12.81
C CYS A 53 -10.56 4.99 13.68
N GLU A 54 -10.73 5.13 14.99
CA GLU A 54 -10.54 4.02 15.91
C GLU A 54 -11.62 3.01 15.50
N ALA A 55 -11.21 1.78 15.21
CA ALA A 55 -12.16 0.77 14.72
C ALA A 55 -12.80 -0.16 15.75
N SER A 56 -12.40 -0.03 17.01
CA SER A 56 -12.97 -0.85 18.08
C SER A 56 -13.06 0.04 19.32
N GLY A 57 -13.35 -0.55 20.47
CA GLY A 57 -13.48 0.27 21.67
C GLY A 57 -14.58 1.29 21.49
N LYS A 58 -14.30 2.54 21.84
CA LYS A 58 -15.29 3.60 21.70
C LYS A 58 -15.52 4.01 20.23
N ARG A 59 -14.67 3.51 19.34
CA ARG A 59 -14.82 3.81 17.90
C ARG A 59 -14.96 5.29 17.61
N LEU A 60 -14.06 6.08 18.20
CA LEU A 60 -14.12 7.52 18.00
C LEU A 60 -13.09 8.02 17.00
N VAL A 61 -13.44 9.11 16.31
CA VAL A 61 -12.50 9.72 15.38
C VAL A 61 -11.58 10.50 16.31
N ARG A 62 -10.35 10.00 16.44
CA ARG A 62 -9.35 10.62 17.30
C ARG A 62 -8.64 11.70 16.50
N HIS A 63 -8.31 12.81 17.14
CA HIS A 63 -7.66 13.89 16.39
C HIS A 63 -6.71 14.78 17.17
N GLU A 64 -5.82 15.42 16.42
CA GLU A 64 -4.83 16.37 16.94
C GLU A 64 -4.65 17.40 15.82
N ALA A 65 -4.28 18.63 16.18
CA ALA A 65 -4.10 19.66 15.18
C ALA A 65 -3.60 20.97 15.78
N ASN A 66 -2.96 21.79 14.95
CA ASN A 66 -2.47 23.08 15.41
C ASN A 66 -3.13 24.17 14.56
N ASP A 67 -4.19 23.77 13.86
CA ASP A 67 -4.97 24.64 12.99
C ASP A 67 -6.38 24.07 12.99
N GLU A 68 -7.33 24.84 13.51
CA GLU A 68 -8.71 24.36 13.60
C GLU A 68 -9.40 24.09 12.27
N GLU A 69 -9.06 24.85 11.25
CA GLU A 69 -9.65 24.64 9.94
C GLU A 69 -9.26 23.25 9.45
N LEU A 70 -7.96 22.96 9.53
CA LEU A 70 -7.45 21.68 9.08
C LEU A 70 -7.95 20.52 9.96
N ARG A 71 -8.12 20.77 11.25
CA ARG A 71 -8.59 19.74 12.15
C ARG A 71 -9.98 19.30 11.70
N ASN A 72 -10.86 20.27 11.44
CA ASN A 72 -12.22 19.96 11.03
C ASN A 72 -12.32 19.30 9.66
N LEU A 73 -11.42 19.66 8.76
CA LEU A 73 -11.41 19.06 7.43
C LEU A 73 -11.06 17.59 7.59
N ALA A 74 -10.07 17.30 8.44
CA ALA A 74 -9.66 15.92 8.67
C ALA A 74 -10.75 15.09 9.34
N ILE A 75 -11.37 15.66 10.38
CA ILE A 75 -12.45 14.98 11.09
C ILE A 75 -13.62 14.72 10.16
N ASP A 76 -14.03 15.74 9.41
CA ASP A 76 -15.16 15.56 8.52
C ASP A 76 -14.94 14.48 7.46
N LEU A 77 -13.73 14.40 6.91
CA LEU A 77 -13.48 13.38 5.91
C LEU A 77 -13.52 11.99 6.55
N CYS A 78 -13.03 11.88 7.78
CA CYS A 78 -13.05 10.59 8.47
C CYS A 78 -14.50 10.14 8.69
N LYS A 79 -15.36 11.10 9.03
CA LYS A 79 -16.77 10.79 9.27
C LYS A 79 -17.47 10.36 7.98
N LYS A 80 -17.08 10.95 6.86
CA LYS A 80 -17.69 10.60 5.58
C LYS A 80 -17.20 9.23 5.07
N ILE A 81 -15.89 9.01 5.15
CA ILE A 81 -15.33 7.74 4.71
C ILE A 81 -15.87 6.66 5.64
N ALA A 82 -15.90 6.97 6.94
CA ALA A 82 -16.41 6.10 7.98
C ALA A 82 -15.94 4.65 7.88
N ALA A 83 -14.64 4.47 7.70
CA ALA A 83 -14.07 3.13 7.60
C ALA A 83 -13.03 2.93 8.68
N GLY A 84 -13.09 1.79 9.36
CA GLY A 84 -12.15 1.54 10.44
C GLY A 84 -10.67 1.63 10.10
N VAL A 86 -8.81 4.13 9.16
CA VAL A 86 -8.42 5.04 8.10
C VAL A 86 -8.00 6.31 8.81
N PHE A 87 -6.95 6.95 8.33
CA PHE A 87 -6.51 8.22 8.90
C PHE A 87 -6.47 9.26 7.77
N VAL A 88 -6.68 10.52 8.14
CA VAL A 88 -6.66 11.63 7.20
C VAL A 88 -5.80 12.75 7.74
N ILE A 89 -4.97 13.32 6.89
CA ILE A 89 -4.09 14.42 7.26
C ILE A 89 -4.23 15.54 6.25
N TYR A 90 -4.43 16.76 6.75
CA TYR A 90 -4.49 17.95 5.89
C TYR A 90 -3.32 18.81 6.36
N ILE A 91 -2.52 19.28 5.41
CA ILE A 91 -1.37 20.11 5.74
C ILE A 91 -1.23 21.38 4.92
N ARG A 92 -0.72 22.42 5.57
CA ARG A 92 -0.43 23.72 4.98
C ARG A 92 0.99 24.05 5.44
N ASN A 93 1.69 24.86 4.64
CA ASN A 93 3.05 25.29 4.94
C ASN A 93 4.04 24.14 5.00
N ALA A 94 3.75 23.12 4.21
CA ALA A 94 4.57 21.92 4.09
C ALA A 94 3.95 21.11 2.96
N TRP A 95 4.79 20.39 2.22
CA TRP A 95 4.33 19.54 1.13
C TRP A 95 4.43 18.09 1.57
N PRO A 96 3.65 17.20 0.96
CA PRO A 96 3.73 15.79 1.35
C PRO A 96 5.14 15.21 1.33
N ILE A 97 5.95 15.59 0.33
CA ILE A 97 7.31 15.04 0.30
C ILE A 97 8.13 15.43 1.52
N ASN A 98 7.72 16.47 2.23
CA ASN A 98 8.45 16.88 3.43
C ASN A 98 8.15 15.98 4.63
N VAL A 99 7.04 15.24 4.57
CA VAL A 99 6.64 14.41 5.71
C VAL A 99 6.30 12.94 5.43
N LEU A 100 6.18 12.57 4.15
CA LEU A 100 5.79 11.20 3.84
C LEU A 100 6.66 10.06 4.33
N ASN A 101 7.98 10.17 4.26
CA ASN A 101 8.78 9.04 4.74
C ASN A 101 8.65 8.82 6.24
N ALA A 102 8.46 9.91 6.99
CA ALA A 102 8.28 9.78 8.42
C ALA A 102 6.95 9.05 8.65
N ILE A 103 5.94 9.38 7.87
CA ILE A 103 4.65 8.72 8.01
C ILE A 103 4.74 7.24 7.67
N LYS A 104 5.46 6.90 6.60
CA LYS A 104 5.61 5.51 6.19
C LYS A 104 6.25 4.66 7.28
N ASN A 105 7.16 5.27 8.03
CA ASN A 105 7.91 4.61 9.09
C ASN A 105 7.25 4.54 10.45
N VAL A 106 6.05 5.11 10.58
CA VAL A 106 5.34 5.02 11.85
C VAL A 106 4.89 3.57 11.90
N PRO A 107 5.28 2.83 12.95
CA PRO A 107 4.91 1.42 13.05
C PRO A 107 3.43 1.07 12.85
N GLU A 108 2.52 1.93 13.29
CA GLU A 108 1.10 1.65 13.12
C GLU A 108 0.61 1.78 11.68
N VAL A 109 1.28 2.62 10.89
CA VAL A 109 0.88 2.86 9.50
C VAL A 109 1.20 1.69 8.58
N VAL A 110 0.20 1.22 7.83
CA VAL A 110 0.41 0.11 6.90
C VAL A 110 0.10 0.47 5.45
N ARG A 111 -0.70 1.51 5.23
CA ARG A 111 -1.04 1.92 3.87
C ARG A 111 -1.21 3.43 3.74
N ILE A 112 -0.88 3.95 2.57
CA ILE A 112 -1.08 5.37 2.26
C ILE A 112 -1.78 5.33 0.91
N PHE A 113 -3.07 5.66 0.91
CA PHE A 113 -3.89 5.64 -0.30
C PHE A 113 -3.64 6.80 -1.26
N ALA A 114 -3.28 7.95 -0.71
CA ALA A 114 -3.04 9.12 -1.55
C ALA A 114 -2.36 10.26 -0.82
N ALA A 115 -1.61 11.04 -1.59
CA ALA A 115 -0.94 12.24 -1.12
C ALA A 115 -1.14 13.14 -2.33
N THR A 116 -2.00 14.15 -2.20
CA THR A 116 -2.28 14.98 -3.35
C THR A 116 -2.97 16.29 -3.01
N ALA A 117 -3.05 17.16 -4.01
CA ALA A 117 -3.71 18.44 -3.87
C ALA A 117 -4.72 18.57 -5.00
N ASN A 118 -4.90 17.48 -5.75
CA ASN A 118 -5.83 17.42 -6.88
C ASN A 118 -7.24 17.02 -6.50
N PRO A 119 -8.19 17.20 -7.43
CA PRO A 119 -9.56 16.80 -7.14
C PRO A 119 -9.37 15.32 -6.81
N LEU A 120 -10.07 14.84 -5.79
CA LEU A 120 -9.90 13.46 -5.37
C LEU A 120 -11.19 12.83 -4.87
N LYS A 121 -11.36 11.54 -5.15
CA LYS A 121 -12.51 10.78 -4.70
C LYS A 121 -11.99 9.52 -4.03
N VAL A 122 -12.70 9.07 -3.00
CA VAL A 122 -12.32 7.86 -2.31
C VAL A 122 -13.44 6.86 -2.55
N ILE A 123 -13.09 5.65 -2.97
CA ILE A 123 -14.09 4.62 -3.20
C ILE A 123 -14.18 3.76 -1.95
N VAL A 124 -15.37 3.70 -1.38
CA VAL A 124 -15.58 2.93 -0.16
C VAL A 124 -16.56 1.79 -0.38
N ALA A 125 -16.28 0.66 0.27
CA ALA A 125 -17.15 -0.50 0.19
C ALA A 125 -17.78 -0.76 1.54
N GLU A 126 -19.09 -0.94 1.55
CA GLU A 126 -19.80 -1.25 2.78
C GLU A 126 -20.31 -2.67 2.55
N VAL A 127 -19.96 -3.58 3.45
CA VAL A 127 -20.34 -4.98 3.31
C VAL A 127 -21.41 -5.44 4.30
N GLU A 128 -21.50 -4.74 5.42
CA GLU A 128 -22.47 -5.04 6.48
C GLU A 128 -22.73 -3.73 7.21
N PRO A 129 -23.78 -3.67 8.04
CA PRO A 129 -24.01 -2.40 8.74
C PRO A 129 -22.76 -1.96 9.52
N GLU A 130 -22.33 -0.73 9.28
CA GLU A 130 -21.17 -0.16 9.95
C GLU A 130 -19.85 -0.91 9.77
N ARG A 131 -19.72 -1.58 8.62
CA ARG A 131 -18.50 -2.32 8.27
C ARG A 131 -18.09 -1.81 6.90
N ARG A 132 -17.15 -0.86 6.87
CA ARG A 132 -16.69 -0.25 5.63
C ARG A 132 -15.16 -0.30 5.45
N GLY A 133 -14.72 -0.28 4.20
CA GLY A 133 -13.31 -0.31 3.90
C GLY A 133 -13.01 0.46 2.62
N VAL A 134 -11.78 0.93 2.49
CA VAL A 134 -11.38 1.68 1.30
C VAL A 134 -10.96 0.75 0.17
N VAL A 135 -11.64 0.88 -0.97
CA VAL A 135 -11.33 0.08 -2.15
C VAL A 135 -10.19 0.72 -2.92
N GLY A 136 -10.23 2.05 -3.02
CA GLY A 136 -9.19 2.76 -3.74
C GLY A 136 -9.50 4.24 -3.80
N VAL A 137 -8.77 4.95 -4.64
CA VAL A 137 -8.98 6.38 -4.80
C VAL A 137 -8.88 6.76 -6.28
N VAL A 138 -9.44 7.92 -6.59
CA VAL A 138 -9.39 8.46 -7.94
C VAL A 138 -8.66 9.78 -7.75
N ASP A 139 -7.36 9.75 -8.00
CA ASP A 139 -6.48 10.90 -7.82
C ASP A 139 -6.33 11.68 -9.10
N GLY A 140 -6.99 12.84 -9.17
CA GLY A 140 -6.89 13.66 -10.37
C GLY A 140 -7.53 13.05 -11.59
N HIS A 141 -7.05 13.48 -12.76
CA HIS A 141 -7.60 13.01 -14.02
C HIS A 141 -6.68 12.11 -14.84
N SER A 142 -7.29 11.44 -15.82
CA SER A 142 -6.58 10.54 -16.72
C SER A 142 -5.62 11.32 -17.62
N PRO A 143 -4.61 10.63 -18.17
CA PRO A 143 -3.64 11.31 -19.05
C PRO A 143 -4.26 11.77 -20.37
N LEU A 144 -3.84 12.95 -20.82
CA LEU A 144 -4.32 13.49 -22.08
C LEU A 144 -3.39 13.05 -23.20
N GLY A 145 -2.17 12.69 -22.84
CA GLY A 145 -1.20 12.26 -23.83
C GLY A 145 0.17 11.98 -23.24
N VAL A 146 1.16 11.87 -24.13
CA VAL A 146 2.53 11.57 -23.73
C VAL A 146 3.43 12.79 -23.93
N GLU A 147 4.26 13.10 -22.94
CA GLU A 147 5.14 14.26 -23.03
C GLU A 147 6.19 14.11 -24.12
N THR A 148 6.63 15.24 -24.67
CA THR A 148 7.66 15.26 -25.70
C THR A 148 8.99 15.57 -25.04
N GLU A 149 10.08 15.56 -25.82
CA GLU A 149 11.39 15.86 -25.26
C GLU A 149 11.45 17.31 -24.80
N LYS A 150 10.73 18.18 -25.50
CA LYS A 150 10.69 19.58 -25.13
C LYS A 150 9.94 19.72 -23.80
N ASP A 151 8.91 18.91 -23.60
CA ASP A 151 8.15 18.92 -22.36
C ASP A 151 9.08 18.48 -21.24
N ARG A 152 9.91 17.49 -21.54
CA ARG A 152 10.85 16.98 -20.55
C ARG A 152 11.81 18.09 -20.16
N GLU A 153 12.35 18.78 -21.16
CA GLU A 153 13.29 19.87 -20.89
C GLU A 153 12.62 20.90 -20.00
N GLU A 154 11.34 21.14 -20.23
CA GLU A 154 10.62 22.12 -19.44
C GLU A 154 10.40 21.69 -17.98
N ARG A 155 10.05 20.43 -17.74
CA ARG A 155 9.86 20.01 -16.36
C ARG A 155 11.20 19.92 -15.64
N LYS A 156 12.28 19.70 -16.40
CA LYS A 156 13.60 19.66 -15.79
C LYS A 156 13.95 21.06 -15.34
N LYS A 157 13.60 22.05 -16.16
CA LYS A 157 13.87 23.45 -15.85
C LYS A 157 13.06 23.89 -14.63
N PHE A 158 11.82 23.43 -14.54
CA PHE A 158 10.96 23.75 -13.41
C PHE A 158 11.61 23.30 -12.10
N LEU A 159 12.10 22.06 -12.09
CA LEU A 159 12.71 21.52 -10.89
C LEU A 159 14.06 22.16 -10.54
N ARG A 160 14.77 22.63 -11.55
CA ARG A 160 16.07 23.25 -11.33
C ARG A 160 16.06 24.77 -11.13
N GLU A 161 15.12 25.45 -11.78
CA GLU A 161 15.06 26.90 -11.68
C GLU A 161 13.96 27.48 -10.79
N VAL A 162 12.84 26.78 -10.65
CA VAL A 162 11.75 27.29 -9.83
C VAL A 162 11.75 26.73 -8.41
N VAL A 163 11.57 25.43 -8.27
CA VAL A 163 11.57 24.83 -6.94
C VAL A 163 12.98 24.50 -6.47
N LYS A 164 13.91 24.38 -7.42
CA LYS A 164 15.30 24.09 -7.09
C LYS A 164 15.53 22.78 -6.33
N TYR A 165 14.73 21.76 -6.65
CA TYR A 165 14.88 20.46 -6.01
C TYR A 165 15.93 19.60 -6.71
N LYS A 166 16.37 20.06 -7.88
CA LYS A 166 17.39 19.35 -8.65
C LYS A 166 18.42 20.37 -9.12
N LEU A 167 19.58 19.88 -9.52
CA LEU A 167 20.66 20.74 -9.99
C LEU A 167 20.92 20.55 -11.48
N SER B 5 -13.20 -7.04 -13.51
CA SER B 5 -13.12 -7.42 -12.07
C SER B 5 -14.34 -8.24 -11.72
N ILE B 6 -14.98 -8.74 -12.78
CA ILE B 6 -16.19 -9.56 -12.71
C ILE B 6 -16.84 -9.84 -11.36
N LYS B 7 -16.29 -10.79 -10.60
CA LYS B 7 -16.93 -11.16 -9.34
C LYS B 7 -16.20 -10.79 -8.05
N PHE B 8 -16.95 -10.24 -7.10
CA PHE B 8 -16.39 -9.86 -5.81
C PHE B 8 -16.85 -10.85 -4.76
N GLU B 9 -15.94 -11.21 -3.86
CA GLU B 9 -16.21 -12.16 -2.80
C GLU B 9 -15.77 -11.57 -1.47
N LEU B 10 -16.40 -12.01 -0.39
CA LEU B 10 -16.05 -11.55 0.95
C LEU B 10 -15.49 -12.73 1.72
N ILE B 11 -14.30 -12.55 2.27
CA ILE B 11 -13.64 -13.60 3.04
C ILE B 11 -13.54 -13.16 4.48
N ASP B 12 -14.13 -13.94 5.40
CA ASP B 12 -14.03 -13.61 6.81
C ASP B 12 -12.70 -14.07 7.36
N VAL B 13 -12.12 -13.27 8.26
CA VAL B 13 -10.83 -13.62 8.83
C VAL B 13 -10.93 -14.02 10.29
N PRO B 14 -10.70 -15.30 10.58
CA PRO B 14 -10.79 -15.75 11.97
C PRO B 14 -9.62 -15.17 12.76
N ILE B 15 -9.90 -14.64 13.95
CA ILE B 15 -8.82 -14.09 14.77
C ILE B 15 -9.02 -14.52 16.21
N PRO B 16 -8.37 -15.61 16.64
CA PRO B 16 -8.48 -16.10 18.01
C PRO B 16 -8.00 -15.05 19.01
N GLN B 17 -8.64 -14.98 20.17
CA GLN B 17 -8.23 -13.97 21.15
C GLN B 17 -6.75 -14.18 21.47
N GLY B 18 -6.01 -13.08 21.55
CA GLY B 18 -4.60 -13.16 21.83
C GLY B 18 -3.75 -13.15 20.57
N THR B 19 -4.41 -13.19 19.41
CA THR B 19 -3.66 -13.17 18.16
C THR B 19 -3.94 -11.90 17.38
N ASN B 20 -3.04 -11.59 16.46
CA ASN B 20 -3.19 -10.45 15.57
C ASN B 20 -2.89 -11.04 14.21
N VAL B 21 -3.47 -10.45 13.16
CA VAL B 21 -3.24 -10.93 11.81
C VAL B 21 -2.64 -9.80 10.98
N ILE B 22 -1.74 -10.17 10.08
CA ILE B 22 -1.14 -9.22 9.16
C ILE B 22 -1.26 -9.85 7.79
N ILE B 23 -1.95 -9.15 6.89
CA ILE B 23 -2.16 -9.64 5.54
C ILE B 23 -1.53 -8.67 4.56
N GLY B 24 -0.83 -9.20 3.56
CA GLY B 24 -0.19 -8.33 2.59
C GLY B 24 0.05 -9.00 1.26
N GLN B 25 0.85 -8.34 0.42
CA GLN B 25 1.18 -8.86 -0.90
C GLN B 25 2.68 -8.73 -1.14
N ALA B 26 3.28 -9.74 -1.76
CA ALA B 26 4.70 -9.71 -2.04
C ALA B 26 4.94 -10.31 -3.43
N HIS B 27 6.03 -11.05 -3.57
CA HIS B 27 6.39 -11.72 -4.82
C HIS B 27 7.66 -12.52 -4.54
N PHE B 28 7.91 -13.55 -5.34
CA PHE B 28 9.09 -14.39 -5.21
C PHE B 28 9.04 -15.32 -4.00
N ILE B 29 9.40 -16.58 -4.24
CA ILE B 29 9.37 -17.61 -3.22
C ILE B 29 10.13 -17.29 -1.93
N LYS B 30 11.20 -16.51 -2.03
CA LYS B 30 12.01 -16.18 -0.86
C LYS B 30 11.21 -15.41 0.19
N THR B 31 10.04 -14.92 -0.19
CA THR B 31 9.17 -14.17 0.71
C THR B 31 8.93 -14.92 2.01
N VAL B 32 8.61 -16.21 1.89
CA VAL B 32 8.32 -17.01 3.08
C VAL B 32 9.47 -17.06 4.08
N GLU B 33 10.70 -17.20 3.59
CA GLU B 33 11.85 -17.25 4.49
C GLU B 33 12.18 -15.88 5.06
N ASP B 34 12.06 -14.84 4.25
CA ASP B 34 12.36 -13.51 4.74
C ASP B 34 11.35 -13.04 5.79
N LEU B 35 10.08 -13.41 5.64
CA LEU B 35 9.08 -13.02 6.62
C LEU B 35 9.31 -13.81 7.91
N TYR B 36 9.70 -15.07 7.76
CA TYR B 36 10.00 -15.91 8.92
C TYR B 36 11.07 -15.22 9.76
N GLU B 37 12.15 -14.80 9.10
CA GLU B 37 13.25 -14.15 9.80
C GLU B 37 12.86 -12.82 10.41
N ALA B 38 12.12 -12.01 9.66
CA ALA B 38 11.67 -10.72 10.16
C ALA B 38 10.91 -10.90 11.46
N LEU B 39 10.11 -11.95 11.54
CA LEU B 39 9.33 -12.19 12.75
C LEU B 39 10.15 -12.72 13.92
N VAL B 40 10.87 -13.83 13.71
CA VAL B 40 11.64 -14.42 14.80
C VAL B 40 12.75 -13.54 15.38
N THR B 41 13.28 -12.62 14.59
CA THR B 41 14.35 -11.75 15.09
C THR B 41 13.85 -10.41 15.63
N SER B 42 12.54 -10.24 15.68
CA SER B 42 11.95 -9.00 16.19
C SER B 42 11.61 -9.05 17.67
N VAL B 43 11.13 -10.21 18.13
CA VAL B 43 10.71 -10.34 19.53
C VAL B 43 11.05 -11.72 20.09
N PRO B 44 11.72 -11.78 21.24
CA PRO B 44 12.03 -13.10 21.80
C PRO B 44 10.70 -13.75 22.19
N GLY B 45 10.57 -15.05 21.95
CA GLY B 45 9.35 -15.73 22.32
C GLY B 45 8.12 -15.53 21.45
N VAL B 46 8.25 -14.78 20.37
CA VAL B 46 7.10 -14.57 19.49
C VAL B 46 6.67 -15.93 18.92
N LYS B 47 5.37 -16.14 18.83
CA LYS B 47 4.84 -17.37 18.26
C LYS B 47 4.13 -16.92 17.00
N PHE B 48 4.35 -17.64 15.90
CA PHE B 48 3.75 -17.21 14.66
C PHE B 48 3.58 -18.29 13.62
N GLY B 49 2.80 -17.93 12.60
CA GLY B 49 2.55 -18.79 11.46
C GLY B 49 2.55 -17.84 10.28
N ILE B 50 3.22 -18.22 9.20
CA ILE B 50 3.26 -17.38 8.00
C ILE B 50 3.06 -18.25 6.76
N ALA B 51 2.15 -17.82 5.89
CA ALA B 51 1.85 -18.54 4.65
C ALA B 51 1.89 -17.55 3.51
N PHE B 52 2.38 -18.00 2.36
CA PHE B 52 2.52 -17.17 1.17
C PHE B 52 2.02 -17.93 -0.07
N CYS B 53 1.23 -17.25 -0.90
CA CYS B 53 0.68 -17.85 -2.10
C CYS B 53 1.55 -17.71 -3.34
N GLU B 54 2.29 -18.76 -3.64
CA GLU B 54 3.13 -18.76 -4.82
C GLU B 54 2.13 -18.68 -5.98
N ALA B 55 2.31 -17.68 -6.85
CA ALA B 55 1.40 -17.41 -7.95
C ALA B 55 1.73 -18.02 -9.31
N SER B 56 2.83 -18.76 -9.41
CA SER B 56 3.22 -19.41 -10.65
C SER B 56 3.88 -20.74 -10.31
N GLY B 57 4.39 -21.44 -11.31
CA GLY B 57 5.02 -22.71 -11.06
C GLY B 57 4.07 -23.68 -10.38
N LYS B 58 4.50 -24.27 -9.27
CA LYS B 58 3.68 -25.22 -8.52
C LYS B 58 2.47 -24.55 -7.87
N ARG B 59 2.50 -23.24 -7.77
CA ARG B 59 1.38 -22.50 -7.18
C ARG B 59 0.99 -23.08 -5.81
N LEU B 60 1.99 -23.29 -4.96
CA LEU B 60 1.74 -23.85 -3.64
C LEU B 60 1.75 -22.82 -2.53
N VAL B 61 0.94 -23.07 -1.50
CA VAL B 61 0.91 -22.18 -0.35
C VAL B 61 2.15 -22.58 0.45
N ARG B 62 3.12 -21.69 0.48
CA ARG B 62 4.37 -21.90 1.18
C ARG B 62 4.23 -21.42 2.61
N HIS B 63 4.80 -22.17 3.56
CA HIS B 63 4.64 -21.77 4.95
C HIS B 63 5.62 -22.37 5.96
N GLU B 64 5.89 -21.31 6.96
CA GLU B 64 6.86 -21.49 8.03
C GLU B 64 6.14 -21.10 9.31
N ALA B 65 6.56 -21.69 10.44
CA ALA B 65 5.92 -21.38 11.71
C ALA B 65 6.65 -22.05 12.86
N ASN B 66 6.32 -21.61 14.08
CA ASN B 66 6.89 -22.20 15.27
C ASN B 66 5.74 -22.50 16.22
N ASP B 67 4.54 -22.46 15.65
CA ASP B 67 3.30 -22.72 16.37
C ASP B 67 2.35 -23.32 15.34
N GLU B 68 1.90 -24.55 15.57
CA GLU B 68 1.01 -25.22 14.63
C GLU B 68 -0.37 -24.60 14.49
N GLU B 69 -0.94 -24.13 15.60
CA GLU B 69 -2.25 -23.50 15.54
C GLU B 69 -2.18 -22.29 14.60
N LEU B 70 -1.14 -21.49 14.75
CA LEU B 70 -0.96 -20.30 13.92
C LEU B 70 -0.56 -20.65 12.49
N ARG B 71 0.19 -21.74 12.31
CA ARG B 71 0.57 -22.14 10.96
C ARG B 71 -0.70 -22.47 10.18
N ASN B 72 -1.57 -23.28 10.78
CA ASN B 72 -2.80 -23.67 10.12
C ASN B 72 -3.74 -22.50 9.86
N LEU B 73 -3.80 -21.54 10.79
CA LEU B 73 -4.65 -20.37 10.58
C LEU B 73 -4.16 -19.60 9.36
N ALA B 74 -2.83 -19.46 9.25
CA ALA B 74 -2.25 -18.73 8.12
C ALA B 74 -2.48 -19.46 6.80
N ILE B 75 -2.26 -20.77 6.80
CA ILE B 75 -2.47 -21.57 5.61
C ILE B 75 -3.93 -21.52 5.19
N ASP B 76 -4.83 -21.71 6.14
CA ASP B 76 -6.25 -21.70 5.82
C ASP B 76 -6.72 -20.38 5.19
N LEU B 77 -6.24 -19.26 5.70
CA LEU B 77 -6.66 -17.98 5.14
C LEU B 77 -6.14 -17.81 3.72
N CYS B 78 -4.92 -18.26 3.47
CA CYS B 78 -4.37 -18.16 2.12
C CYS B 78 -5.22 -18.99 1.17
N LYS B 79 -5.70 -20.14 1.63
CA LYS B 79 -6.54 -21.02 0.81
C LYS B 79 -7.88 -20.35 0.49
N LYS B 80 -8.44 -19.65 1.47
CA LYS B 80 -9.71 -18.97 1.30
C LYS B 80 -9.58 -17.74 0.40
N ILE B 81 -8.59 -16.89 0.68
CA ILE B 81 -8.36 -15.70 -0.13
C ILE B 81 -8.02 -16.17 -1.54
N ALA B 82 -7.17 -17.18 -1.61
CA ALA B 82 -6.77 -17.79 -2.88
C ALA B 82 -6.35 -16.79 -3.95
N ALA B 83 -5.48 -15.85 -3.58
CA ALA B 83 -5.02 -14.86 -4.54
C ALA B 83 -3.52 -14.87 -4.65
N GLY B 84 -3.02 -14.88 -5.88
CA GLY B 84 -1.58 -14.92 -6.06
C GLY B 84 -0.81 -13.83 -5.34
N VAL B 86 -0.22 -13.19 -2.19
CA VAL B 86 -0.74 -12.63 -0.95
C VAL B 86 -0.09 -13.46 0.14
N PHE B 87 0.25 -12.81 1.25
CA PHE B 87 0.82 -13.51 2.40
C PHE B 87 -0.03 -13.22 3.62
N VAL B 88 -0.05 -14.17 4.56
CA VAL B 88 -0.80 -14.05 5.81
C VAL B 88 0.09 -14.41 6.98
N ILE B 89 0.02 -13.60 8.02
CA ILE B 89 0.80 -13.81 9.23
C ILE B 89 -0.10 -13.72 10.45
N TYR B 90 0.02 -14.69 11.34
CA TYR B 90 -0.73 -14.69 12.60
C TYR B 90 0.34 -14.70 13.68
N ILE B 91 0.20 -13.81 14.67
CA ILE B 91 1.18 -13.73 15.74
C ILE B 91 0.58 -13.70 17.14
N ARG B 92 1.32 -14.29 18.07
CA ARG B 92 0.96 -14.32 19.49
C ARG B 92 2.23 -13.90 20.22
N ASN B 93 2.08 -13.36 21.43
CA ASN B 93 3.19 -12.91 22.24
C ASN B 93 4.00 -11.79 21.60
N ALA B 94 3.35 -11.05 20.71
CA ALA B 94 3.95 -9.90 20.03
C ALA B 94 2.82 -9.12 19.40
N TRP B 95 2.98 -7.81 19.28
CA TRP B 95 1.96 -6.97 18.66
C TRP B 95 2.47 -6.53 17.29
N PRO B 96 1.56 -6.18 16.38
CA PRO B 96 2.02 -5.75 15.05
C PRO B 96 3.07 -4.64 15.08
N ILE B 97 2.94 -3.67 15.99
CA ILE B 97 3.93 -2.60 16.03
C ILE B 97 5.33 -3.08 16.35
N ASN B 98 5.44 -4.27 16.93
CA ASN B 98 6.75 -4.83 17.25
C ASN B 98 7.45 -5.40 16.03
N VAL B 99 6.69 -5.70 14.97
CA VAL B 99 7.27 -6.32 13.78
C VAL B 99 7.00 -5.64 12.44
N LEU B 100 6.05 -4.72 12.39
CA LEU B 100 5.68 -4.09 11.12
C LEU B 100 6.75 -3.40 10.29
N ASN B 101 7.64 -2.62 10.90
CA ASN B 101 8.66 -1.97 10.09
C ASN B 101 9.62 -2.98 9.48
N ALA B 102 9.90 -4.06 10.18
CA ALA B 102 10.78 -5.09 9.62
C ALA B 102 10.10 -5.69 8.39
N ILE B 103 8.80 -5.95 8.49
CA ILE B 103 8.05 -6.52 7.39
C ILE B 103 8.02 -5.56 6.18
N LYS B 104 7.81 -4.27 6.45
CA LYS B 104 7.77 -3.27 5.38
C LYS B 104 9.07 -3.23 4.59
N ASN B 105 10.17 -3.47 5.29
CA ASN B 105 11.50 -3.44 4.69
C ASN B 105 11.97 -4.72 4.00
N VAL B 106 11.16 -5.78 4.05
CA VAL B 106 11.54 -7.00 3.36
C VAL B 106 11.39 -6.64 1.88
N PRO B 107 12.48 -6.76 1.10
CA PRO B 107 12.44 -6.42 -0.33
C PRO B 107 11.32 -7.03 -1.16
N GLU B 108 10.88 -8.24 -0.81
CA GLU B 108 9.80 -8.88 -1.57
C GLU B 108 8.43 -8.26 -1.31
N VAL B 109 8.25 -7.75 -0.09
CA VAL B 109 6.98 -7.16 0.31
C VAL B 109 6.69 -5.83 -0.35
N VAL B 110 5.50 -5.71 -0.94
CA VAL B 110 5.12 -4.47 -1.60
C VAL B 110 3.85 -3.82 -1.03
N ARG B 111 3.04 -4.60 -0.32
CA ARG B 111 1.81 -4.07 0.27
C ARG B 111 1.45 -4.77 1.58
N ILE B 112 0.80 -4.04 2.47
CA ILE B 112 0.31 -4.61 3.73
C ILE B 112 -1.13 -4.10 3.77
N PHE B 113 -2.09 -5.01 3.59
CA PHE B 113 -3.50 -4.65 3.57
C PHE B 113 -4.10 -4.38 4.94
N ALA B 114 -3.60 -5.07 5.96
CA ALA B 114 -4.11 -4.90 7.30
C ALA B 114 -3.22 -5.51 8.39
N ALA B 115 -3.31 -4.94 9.57
CA ALA B 115 -2.58 -5.40 10.75
C ALA B 115 -3.61 -5.10 11.82
N THR B 116 -4.23 -6.15 12.37
CA THR B 116 -5.30 -5.90 13.32
C THR B 116 -5.72 -7.15 14.09
N ALA B 117 -6.55 -6.91 15.11
CA ALA B 117 -7.10 -7.99 15.93
C ALA B 117 -8.62 -7.84 15.91
N ASN B 118 -9.11 -6.91 15.11
CA ASN B 118 -10.56 -6.65 15.00
C ASN B 118 -11.26 -7.54 14.00
N PRO B 119 -12.60 -7.54 14.03
CA PRO B 119 -13.37 -8.35 13.09
C PRO B 119 -12.82 -7.85 11.75
N LEU B 120 -12.54 -8.76 10.83
CA LEU B 120 -11.94 -8.36 9.57
C LEU B 120 -12.46 -9.16 8.38
N LYS B 121 -12.66 -8.46 7.27
CA LYS B 121 -13.12 -9.07 6.03
C LYS B 121 -12.15 -8.67 4.94
N VAL B 122 -11.89 -9.59 4.03
CA VAL B 122 -11.02 -9.32 2.89
C VAL B 122 -11.95 -9.34 1.69
N ILE B 123 -11.85 -8.34 0.82
CA ILE B 123 -12.69 -8.30 -0.37
C ILE B 123 -11.80 -8.77 -1.50
N VAL B 124 -12.20 -9.86 -2.15
CA VAL B 124 -11.43 -10.43 -3.24
C VAL B 124 -12.20 -10.34 -4.56
N ALA B 125 -11.48 -10.02 -5.62
CA ALA B 125 -12.09 -9.94 -6.94
C ALA B 125 -11.61 -11.14 -7.75
N GLU B 126 -12.54 -11.81 -8.43
CA GLU B 126 -12.19 -12.94 -9.28
C GLU B 126 -12.60 -12.52 -10.69
N VAL B 127 -11.61 -12.42 -11.58
CA VAL B 127 -11.85 -12.00 -12.94
C VAL B 127 -12.07 -13.18 -13.87
N GLU B 128 -11.62 -14.35 -13.43
CA GLU B 128 -11.80 -15.58 -14.18
C GLU B 128 -11.32 -16.70 -13.27
N PRO B 129 -11.66 -17.95 -13.58
CA PRO B 129 -11.20 -19.03 -12.72
C PRO B 129 -9.70 -18.98 -12.44
N GLU B 130 -9.35 -19.15 -11.16
CA GLU B 130 -7.97 -19.16 -10.69
C GLU B 130 -7.21 -17.84 -10.80
N ARG B 131 -7.92 -16.76 -11.11
CA ARG B 131 -7.26 -15.46 -11.20
C ARG B 131 -7.99 -14.50 -10.26
N ARG B 132 -7.43 -14.34 -9.07
CA ARG B 132 -8.01 -13.49 -8.04
C ARG B 132 -7.04 -12.46 -7.49
N GLY B 133 -7.59 -11.38 -6.93
CA GLY B 133 -6.77 -10.31 -6.36
C GLY B 133 -7.50 -9.63 -5.22
N VAL B 134 -6.74 -9.07 -4.28
CA VAL B 134 -7.34 -8.38 -3.15
C VAL B 134 -7.76 -6.97 -3.52
N VAL B 135 -9.03 -6.65 -3.31
CA VAL B 135 -9.54 -5.32 -3.62
C VAL B 135 -9.35 -4.40 -2.42
N GLY B 136 -9.64 -4.93 -1.24
CA GLY B 136 -9.51 -4.15 -0.02
C GLY B 136 -9.87 -4.98 1.20
N VAL B 137 -9.97 -4.31 2.34
CA VAL B 137 -10.32 -4.97 3.58
C VAL B 137 -11.30 -4.10 4.36
N VAL B 138 -11.98 -4.73 5.30
CA VAL B 138 -12.92 -4.03 6.15
C VAL B 138 -12.41 -4.33 7.56
N ASP B 139 -11.63 -3.40 8.09
CA ASP B 139 -11.00 -3.54 9.39
C ASP B 139 -11.81 -2.89 10.50
N GLY B 140 -12.47 -3.70 11.31
CA GLY B 140 -13.26 -3.14 12.39
C GLY B 140 -14.52 -2.45 11.91
N HIS B 141 -15.03 -1.54 12.74
CA HIS B 141 -16.27 -0.83 12.46
C HIS B 141 -16.12 0.66 12.23
N SER B 142 -17.17 1.27 11.68
CA SER B 142 -17.20 2.69 11.40
C SER B 142 -17.26 3.46 12.72
N PRO B 143 -16.86 4.74 12.70
CA PRO B 143 -16.84 5.60 13.89
C PRO B 143 -18.24 5.85 14.47
N LEU B 144 -18.31 5.91 15.78
CA LEU B 144 -19.57 6.16 16.48
C LEU B 144 -19.67 7.65 16.82
N GLY B 145 -18.54 8.34 16.76
CA GLY B 145 -18.54 9.76 17.06
C GLY B 145 -17.16 10.36 16.99
N VAL B 146 -17.04 11.61 17.46
CA VAL B 146 -15.77 12.33 17.46
C VAL B 146 -15.25 12.51 18.88
N GLU B 147 -13.96 12.26 19.06
CA GLU B 147 -13.30 12.36 20.35
C GLU B 147 -13.48 13.74 21.00
N THR B 148 -13.89 13.76 22.27
CA THR B 148 -14.06 15.01 22.98
C THR B 148 -12.76 15.28 23.74
N GLU B 149 -12.68 16.44 24.38
CA GLU B 149 -11.48 16.77 25.16
C GLU B 149 -11.34 15.76 26.29
N LYS B 150 -12.47 15.37 26.88
CA LYS B 150 -12.44 14.39 27.96
C LYS B 150 -11.95 13.04 27.42
N ASP B 151 -12.47 12.63 26.26
CA ASP B 151 -12.05 11.37 25.64
C ASP B 151 -10.56 11.40 25.37
N ARG B 152 -10.08 12.56 24.92
CA ARG B 152 -8.66 12.73 24.62
C ARG B 152 -7.79 12.54 25.86
N GLU B 153 -8.25 13.09 26.98
CA GLU B 153 -7.49 12.95 28.22
C GLU B 153 -7.42 11.49 28.62
N GLU B 154 -8.51 10.77 28.43
CA GLU B 154 -8.54 9.36 28.78
C GLU B 154 -7.65 8.54 27.85
N ARG B 155 -7.62 8.90 26.56
CA ARG B 155 -6.77 8.21 25.59
C ARG B 155 -5.30 8.44 25.92
N LYS B 156 -4.97 9.66 26.33
CA LYS B 156 -3.60 10.00 26.70
C LYS B 156 -3.15 9.23 27.93
N LYS B 157 -4.04 9.14 28.92
CA LYS B 157 -3.76 8.43 30.16
C LYS B 157 -3.56 6.94 29.91
N PHE B 158 -4.36 6.39 28.99
CA PHE B 158 -4.25 4.99 28.63
C PHE B 158 -2.85 4.68 28.09
N LEU B 159 -2.38 5.51 27.16
CA LEU B 159 -1.09 5.32 26.54
C LEU B 159 0.07 5.53 27.50
N ARG B 160 -0.16 6.33 28.54
CA ARG B 160 0.90 6.62 29.49
C ARG B 160 0.91 5.79 30.77
N GLU B 161 -0.27 5.45 31.27
CA GLU B 161 -0.35 4.68 32.51
C GLU B 161 -0.60 3.18 32.35
N VAL B 162 -1.30 2.80 31.29
CA VAL B 162 -1.61 1.39 31.05
C VAL B 162 -0.57 0.68 30.18
N VAL B 163 -0.45 1.07 28.90
CA VAL B 163 0.53 0.42 28.03
C VAL B 163 1.90 1.07 28.15
N LYS B 164 1.95 2.27 28.70
CA LYS B 164 3.20 2.98 28.91
C LYS B 164 4.04 3.20 27.65
N TYR B 165 3.38 3.44 26.52
CA TYR B 165 4.10 3.68 25.27
C TYR B 165 4.44 5.16 25.09
N LYS B 166 3.88 6.00 25.95
CA LYS B 166 4.13 7.43 25.93
C LYS B 166 4.43 7.89 27.35
N LEU B 167 5.04 9.06 27.48
CA LEU B 167 5.37 9.61 28.78
C LEU B 167 4.51 10.85 29.09
N ILE C 6 -20.13 3.66 -10.85
CA ILE C 6 -18.74 3.15 -10.89
C ILE C 6 -18.61 1.97 -11.84
N LYS C 7 -17.70 2.09 -12.80
CA LYS C 7 -17.48 1.03 -13.77
C LYS C 7 -16.12 0.40 -13.49
N PHE C 8 -16.05 -0.91 -13.61
CA PHE C 8 -14.79 -1.62 -13.38
C PHE C 8 -14.27 -2.14 -14.70
N GLU C 9 -12.96 -2.01 -14.92
CA GLU C 9 -12.35 -2.47 -16.15
C GLU C 9 -11.09 -3.26 -15.84
N LEU C 10 -10.79 -4.23 -16.69
CA LEU C 10 -9.61 -5.07 -16.52
C LEU C 10 -8.56 -4.68 -17.57
N ILE C 11 -7.31 -4.55 -17.13
CA ILE C 11 -6.22 -4.20 -18.03
C ILE C 11 -5.18 -5.29 -18.02
N ASP C 12 -4.94 -5.89 -19.18
CA ASP C 12 -3.95 -6.97 -19.30
C ASP C 12 -2.57 -6.31 -19.32
N VAL C 13 -1.61 -6.89 -18.59
CA VAL C 13 -0.27 -6.30 -18.57
C VAL C 13 0.75 -7.15 -19.32
N PRO C 14 1.29 -6.61 -20.43
CA PRO C 14 2.29 -7.32 -21.24
C PRO C 14 3.59 -7.41 -20.47
N ILE C 15 4.20 -8.58 -20.44
CA ILE C 15 5.48 -8.76 -19.74
C ILE C 15 6.40 -9.65 -20.57
N PRO C 16 7.27 -9.04 -21.38
CA PRO C 16 8.21 -9.81 -22.21
C PRO C 16 9.15 -10.66 -21.36
N GLN C 17 9.59 -11.79 -21.91
CA GLN C 17 10.50 -12.67 -21.19
C GLN C 17 11.74 -11.88 -20.80
N GLY C 18 12.21 -12.07 -19.57
CA GLY C 18 13.39 -11.37 -19.12
C GLY C 18 13.07 -10.06 -18.42
N THR C 19 11.81 -9.66 -18.41
CA THR C 19 11.43 -8.40 -17.75
C THR C 19 10.52 -8.61 -16.56
N ASN C 20 10.49 -7.59 -15.71
CA ASN C 20 9.62 -7.56 -14.54
C ASN C 20 8.95 -6.21 -14.59
N VAL C 21 7.72 -6.14 -14.08
CA VAL C 21 7.01 -4.88 -14.06
C VAL C 21 6.71 -4.52 -12.60
N ILE C 22 6.76 -3.23 -12.32
CA ILE C 22 6.48 -2.71 -10.99
C ILE C 22 5.48 -1.59 -11.27
N ILE C 23 4.30 -1.68 -10.65
CA ILE C 23 3.26 -0.66 -10.84
C ILE C 23 2.92 -0.06 -9.49
N GLY C 24 2.79 1.27 -9.44
CA GLY C 24 2.49 1.91 -8.18
C GLY C 24 1.78 3.24 -8.31
N GLN C 25 1.75 4.00 -7.22
CA GLN C 25 1.11 5.29 -7.23
C GLN C 25 2.00 6.27 -6.47
N ALA C 26 2.09 7.49 -6.97
CA ALA C 26 2.90 8.53 -6.37
C ALA C 26 2.17 9.86 -6.49
N HIS C 27 2.92 10.94 -6.67
CA HIS C 27 2.38 12.30 -6.84
C HIS C 27 3.47 13.14 -7.47
N PHE C 28 3.29 14.39 -7.66
CA PHE C 28 4.31 15.40 -7.94
C PHE C 28 5.21 14.99 -9.11
N ILE C 29 5.49 15.96 -9.98
CA ILE C 29 6.29 15.72 -11.17
C ILE C 29 7.69 15.16 -10.94
N LYS C 30 8.30 15.46 -9.80
CA LYS C 30 9.65 14.96 -9.50
C LYS C 30 9.72 13.44 -9.39
N THR C 31 8.56 12.80 -9.34
CA THR C 31 8.49 11.34 -9.25
C THR C 31 9.33 10.65 -10.33
N VAL C 32 9.20 11.11 -11.57
CA VAL C 32 9.93 10.47 -12.65
C VAL C 32 11.44 10.56 -12.53
N GLU C 33 11.97 11.71 -12.11
CA GLU C 33 13.41 11.83 -11.96
C GLU C 33 13.90 11.00 -10.77
N ASP C 34 13.14 11.03 -9.67
CA ASP C 34 13.54 10.27 -8.50
C ASP C 34 13.53 8.76 -8.72
N LEU C 35 12.58 8.27 -9.49
CA LEU C 35 12.50 6.84 -9.79
C LEU C 35 13.66 6.47 -10.72
N TYR C 36 13.99 7.35 -11.66
CA TYR C 36 15.10 7.11 -12.57
C TYR C 36 16.36 6.91 -11.74
N GLU C 37 16.60 7.84 -10.82
CA GLU C 37 17.77 7.77 -9.98
C GLU C 37 17.78 6.53 -9.09
N ALA C 38 16.64 6.18 -8.51
CA ALA C 38 16.56 4.99 -7.65
C ALA C 38 17.00 3.73 -8.42
N LEU C 39 16.57 3.62 -9.66
CA LEU C 39 16.92 2.46 -10.46
C LEU C 39 18.39 2.42 -10.91
N VAL C 40 18.82 3.50 -11.56
CA VAL C 40 20.18 3.56 -12.08
C VAL C 40 21.29 3.45 -11.02
N THR C 41 21.00 3.88 -9.79
CA THR C 41 22.00 3.80 -8.73
C THR C 41 21.89 2.52 -7.92
N SER C 42 20.96 1.65 -8.29
CA SER C 42 20.76 0.39 -7.57
C SER C 42 21.56 -0.76 -8.14
N VAL C 43 21.62 -0.85 -9.46
CA VAL C 43 22.32 -1.95 -10.12
C VAL C 43 23.06 -1.49 -11.37
N PRO C 44 24.36 -1.83 -11.47
CA PRO C 44 25.12 -1.40 -12.66
C PRO C 44 24.52 -2.11 -13.87
N GLY C 45 24.31 -1.37 -14.96
CA GLY C 45 23.77 -2.00 -16.15
C GLY C 45 22.29 -2.34 -16.17
N VAL C 46 21.53 -1.87 -15.20
CA VAL C 46 20.10 -2.14 -15.21
C VAL C 46 19.53 -1.43 -16.45
N LYS C 47 18.55 -2.06 -17.09
CA LYS C 47 17.90 -1.48 -18.26
C LYS C 47 16.46 -1.25 -17.82
N PHE C 48 15.92 -0.07 -18.10
CA PHE C 48 14.59 0.23 -17.62
C PHE C 48 13.82 1.29 -18.37
N GLY C 49 12.52 1.33 -18.09
CA GLY C 49 11.61 2.31 -18.65
C GLY C 49 10.68 2.70 -17.52
N ILE C 50 10.48 4.00 -17.32
CA ILE C 50 9.61 4.50 -16.27
C ILE C 50 8.62 5.51 -16.84
N ALA C 51 7.35 5.38 -16.48
CA ALA C 51 6.32 6.31 -16.94
C ALA C 51 5.45 6.66 -15.74
N PHE C 52 5.06 7.93 -15.67
CA PHE C 52 4.25 8.44 -14.57
C PHE C 52 3.12 9.32 -15.09
N CYS C 53 1.91 9.08 -14.59
CA CYS C 53 0.75 9.85 -15.00
C CYS C 53 0.52 11.12 -14.21
N GLU C 54 0.92 12.25 -14.80
CA GLU C 54 0.70 13.56 -14.20
C GLU C 54 -0.83 13.65 -14.19
N ALA C 55 -1.41 13.92 -13.03
CA ALA C 55 -2.86 13.94 -12.88
C ALA C 55 -3.57 15.29 -12.95
N SER C 56 -2.81 16.36 -13.18
CA SER C 56 -3.38 17.70 -13.28
C SER C 56 -2.56 18.44 -14.33
N GLY C 57 -2.81 19.74 -14.47
CA GLY C 57 -2.08 20.53 -15.44
C GLY C 57 -2.24 19.98 -16.84
N LYS C 58 -1.12 19.73 -17.51
CA LYS C 58 -1.14 19.19 -18.87
C LYS C 58 -1.53 17.72 -18.92
N ARG C 59 -1.50 17.06 -17.76
CA ARG C 59 -1.87 15.64 -17.67
C ARG C 59 -1.13 14.77 -18.68
N LEU C 60 0.17 14.98 -18.79
CA LEU C 60 0.97 14.21 -19.72
C LEU C 60 1.72 13.07 -19.03
N VAL C 61 1.85 11.95 -19.72
CA VAL C 61 2.58 10.82 -19.19
C VAL C 61 4.05 11.25 -19.26
N ARG C 62 4.72 11.27 -18.11
CA ARG C 62 6.12 11.67 -18.03
C ARG C 62 6.98 10.43 -17.99
N HIS C 63 8.08 10.42 -18.74
CA HIS C 63 8.91 9.24 -18.79
C HIS C 63 10.42 9.46 -18.84
N GLU C 64 11.15 8.45 -18.34
CA GLU C 64 12.61 8.44 -18.33
C GLU C 64 12.99 6.99 -18.64
N ALA C 65 14.13 6.77 -19.27
CA ALA C 65 14.51 5.41 -19.60
C ALA C 65 15.88 5.34 -20.25
N ASN C 66 16.49 4.15 -20.20
CA ASN C 66 17.76 3.95 -20.86
C ASN C 66 17.61 2.78 -21.83
N ASP C 67 16.35 2.43 -22.09
CA ASP C 67 15.98 1.35 -23.00
C ASP C 67 14.65 1.72 -23.65
N GLU C 68 14.67 1.95 -24.97
CA GLU C 68 13.46 2.35 -25.67
C GLU C 68 12.30 1.35 -25.66
N GLU C 69 12.61 0.06 -25.72
CA GLU C 69 11.57 -0.95 -25.67
C GLU C 69 10.80 -0.84 -24.36
N LEU C 70 11.54 -0.77 -23.26
CA LEU C 70 10.94 -0.67 -21.93
C LEU C 70 10.25 0.66 -21.69
N ARG C 71 10.78 1.72 -22.27
CA ARG C 71 10.17 3.04 -22.12
C ARG C 71 8.76 3.02 -22.70
N ASN C 72 8.64 2.51 -23.92
CA ASN C 72 7.33 2.49 -24.57
C ASN C 72 6.36 1.51 -23.94
N LEU C 73 6.87 0.44 -23.35
CA LEU C 73 6.02 -0.52 -22.67
C LEU C 73 5.42 0.20 -21.47
N ALA C 74 6.25 0.96 -20.76
CA ALA C 74 5.79 1.69 -19.59
C ALA C 74 4.78 2.78 -19.98
N ILE C 75 5.06 3.49 -21.06
CA ILE C 75 4.16 4.54 -21.53
C ILE C 75 2.82 3.94 -21.92
N ASP C 76 2.87 2.84 -22.68
CA ASP C 76 1.65 2.19 -23.11
C ASP C 76 0.77 1.77 -21.95
N LEU C 77 1.35 1.10 -20.96
CA LEU C 77 0.56 0.66 -19.82
C LEU C 77 -0.04 1.84 -19.06
N CYS C 78 0.69 2.94 -18.96
CA CYS C 78 0.15 4.11 -18.27
C CYS C 78 -1.08 4.62 -19.02
N LYS C 79 -1.02 4.60 -20.35
CA LYS C 79 -2.15 5.06 -21.15
C LYS C 79 -3.34 4.11 -21.05
N LYS C 80 -3.07 2.82 -20.92
CA LYS C 80 -4.15 1.84 -20.82
C LYS C 80 -4.84 1.91 -19.44
N ILE C 81 -4.05 2.01 -18.38
CA ILE C 81 -4.63 2.12 -17.05
C ILE C 81 -5.35 3.47 -16.99
N ALA C 82 -4.68 4.50 -17.51
CA ALA C 82 -5.24 5.85 -17.58
C ALA C 82 -5.78 6.36 -16.25
N ALA C 83 -4.99 6.19 -15.20
CA ALA C 83 -5.35 6.66 -13.87
C ALA C 83 -4.28 7.60 -13.34
N GLY C 84 -4.74 8.74 -12.84
CA GLY C 84 -3.85 9.76 -12.33
C GLY C 84 -2.93 9.27 -11.23
N VAL C 86 -0.50 7.20 -11.24
CA VAL C 86 -0.02 5.82 -11.32
C VAL C 86 1.33 5.86 -12.05
N PHE C 87 2.28 5.02 -11.65
CA PHE C 87 3.57 4.97 -12.34
C PHE C 87 3.81 3.51 -12.69
N VAL C 88 4.55 3.31 -13.79
CA VAL C 88 4.87 1.97 -14.28
C VAL C 88 6.37 1.89 -14.57
N ILE C 89 6.98 0.80 -14.13
CA ILE C 89 8.39 0.56 -14.35
C ILE C 89 8.60 -0.82 -14.94
N TYR C 90 9.38 -0.90 -16.02
CA TYR C 90 9.72 -2.18 -16.62
C TYR C 90 11.24 -2.27 -16.50
N ILE C 91 11.74 -3.41 -16.04
CA ILE C 91 13.17 -3.57 -15.87
C ILE C 91 13.73 -4.88 -16.42
N ARG C 92 14.98 -4.80 -16.89
CA ARG C 92 15.73 -5.93 -17.42
C ARG C 92 17.10 -5.85 -16.75
N ASN C 93 17.76 -6.99 -16.64
CA ASN C 93 19.09 -7.09 -16.03
C ASN C 93 19.12 -6.70 -14.57
N ALA C 94 17.98 -6.87 -13.92
CA ALA C 94 17.84 -6.59 -12.49
C ALA C 94 16.50 -7.17 -12.07
N TRP C 95 16.41 -7.57 -10.80
CA TRP C 95 15.17 -8.11 -10.27
C TRP C 95 14.54 -7.10 -9.35
N PRO C 96 13.22 -7.16 -9.16
CA PRO C 96 12.56 -6.20 -8.28
C PRO C 96 13.19 -6.11 -6.88
N ILE C 97 13.62 -7.23 -6.31
CA ILE C 97 14.22 -7.17 -4.98
C ILE C 97 15.50 -6.33 -4.95
N ASN C 98 16.12 -6.13 -6.12
CA ASN C 98 17.34 -5.33 -6.18
C ASN C 98 17.06 -3.83 -6.06
N VAL C 99 15.84 -3.43 -6.37
CA VAL C 99 15.49 -2.01 -6.39
C VAL C 99 14.25 -1.59 -5.59
N LEU C 100 13.47 -2.54 -5.11
CA LEU C 100 12.24 -2.19 -4.41
C LEU C 100 12.34 -1.31 -3.18
N ASN C 101 13.30 -1.56 -2.30
CA ASN C 101 13.38 -0.70 -1.12
C ASN C 101 13.72 0.74 -1.47
N ALA C 102 14.55 0.94 -2.48
CA ALA C 102 14.90 2.28 -2.92
C ALA C 102 13.62 2.96 -3.41
N ILE C 103 12.78 2.21 -4.13
CA ILE C 103 11.53 2.76 -4.64
C ILE C 103 10.56 3.13 -3.51
N LYS C 104 10.45 2.26 -2.51
CA LYS C 104 9.55 2.50 -1.38
C LYS C 104 9.89 3.80 -0.68
N ASN C 105 11.18 4.09 -0.62
CA ASN C 105 11.68 5.27 0.06
C ASN C 105 11.75 6.58 -0.72
N VAL C 106 11.33 6.55 -1.98
CA VAL C 106 11.28 7.77 -2.76
C VAL C 106 10.11 8.53 -2.11
N PRO C 107 10.34 9.78 -1.67
CA PRO C 107 9.29 10.56 -1.01
C PRO C 107 7.97 10.73 -1.77
N GLU C 108 8.01 10.74 -3.08
CA GLU C 108 6.78 10.90 -3.86
C GLU C 108 5.93 9.62 -3.92
N VAL C 109 6.59 8.48 -3.77
CA VAL C 109 5.92 7.20 -3.85
C VAL C 109 5.10 6.87 -2.60
N VAL C 110 3.84 6.50 -2.79
CA VAL C 110 2.99 6.15 -1.66
C VAL C 110 2.43 4.73 -1.73
N ARG C 111 2.43 4.13 -2.91
CA ARG C 111 1.91 2.77 -3.06
C ARG C 111 2.62 1.98 -4.15
N ILE C 112 2.69 0.67 -3.96
CA ILE C 112 3.25 -0.24 -4.96
C ILE C 112 2.22 -1.36 -5.07
N PHE C 113 1.50 -1.40 -6.18
CA PHE C 113 0.45 -2.39 -6.40
C PHE C 113 0.96 -3.78 -6.74
N ALA C 114 2.10 -3.85 -7.41
CA ALA C 114 2.67 -5.13 -7.81
C ALA C 114 4.10 -5.02 -8.31
N ALA C 115 4.82 -6.13 -8.16
CA ALA C 115 6.19 -6.29 -8.62
C ALA C 115 6.16 -7.75 -9.05
N THR C 116 6.20 -8.01 -10.35
CA THR C 116 6.07 -9.38 -10.80
C THR C 116 6.48 -9.62 -12.25
N ALA C 117 6.61 -10.89 -12.61
CA ALA C 117 6.95 -11.31 -13.95
C ALA C 117 5.82 -12.25 -14.42
N ASN C 118 4.84 -12.46 -13.54
CA ASN C 118 3.70 -13.34 -13.82
C ASN C 118 2.60 -12.69 -14.63
N PRO C 119 1.69 -13.52 -15.19
CA PRO C 119 0.57 -12.97 -15.96
C PRO C 119 -0.07 -12.02 -14.96
N LEU C 120 -0.39 -10.81 -15.40
CA LEU C 120 -0.92 -9.80 -14.50
C LEU C 120 -2.07 -8.98 -15.10
N LYS C 121 -3.05 -8.69 -14.26
CA LYS C 121 -4.19 -7.89 -14.66
C LYS C 121 -4.31 -6.73 -13.65
N VAL C 122 -4.69 -5.56 -14.14
CA VAL C 122 -4.88 -4.41 -13.27
C VAL C 122 -6.37 -4.10 -13.32
N ILE C 123 -6.99 -4.00 -12.14
CA ILE C 123 -8.41 -3.70 -12.07
C ILE C 123 -8.56 -2.19 -11.85
N VAL C 124 -9.25 -1.52 -12.77
CA VAL C 124 -9.43 -0.09 -12.69
C VAL C 124 -10.88 0.32 -12.53
N ALA C 125 -11.11 1.36 -11.74
CA ALA C 125 -12.45 1.87 -11.52
C ALA C 125 -12.58 3.24 -12.18
N GLU C 126 -13.61 3.40 -13.00
CA GLU C 126 -13.89 4.67 -13.66
C GLU C 126 -15.18 5.16 -13.04
N VAL C 127 -15.12 6.32 -12.38
CA VAL C 127 -16.28 6.88 -11.69
C VAL C 127 -16.92 8.04 -12.45
N GLU C 128 -16.28 8.45 -13.53
CA GLU C 128 -16.73 9.56 -14.34
C GLU C 128 -15.74 9.68 -15.50
N PRO C 129 -16.14 10.29 -16.63
CA PRO C 129 -15.15 10.38 -17.69
C PRO C 129 -13.86 11.03 -17.20
N GLU C 130 -12.74 10.45 -17.59
CA GLU C 130 -11.42 10.95 -17.23
C GLU C 130 -11.04 10.88 -15.75
N ARG C 131 -11.83 10.18 -14.94
CA ARG C 131 -11.51 10.04 -13.52
C ARG C 131 -11.47 8.55 -13.20
N ARG C 132 -10.25 8.00 -13.15
CA ARG C 132 -10.03 6.58 -12.89
C ARG C 132 -9.03 6.34 -11.75
N GLY C 133 -9.12 5.16 -11.15
CA GLY C 133 -8.21 4.81 -10.06
C GLY C 133 -8.01 3.31 -10.01
N VAL C 134 -6.87 2.88 -9.48
CA VAL C 134 -6.58 1.46 -9.38
C VAL C 134 -7.25 0.83 -8.17
N VAL C 135 -8.04 -0.20 -8.41
CA VAL C 135 -8.75 -0.90 -7.34
C VAL C 135 -7.93 -2.06 -6.81
N GLY C 136 -7.18 -2.70 -7.70
CA GLY C 136 -6.34 -3.81 -7.29
C GLY C 136 -5.68 -4.46 -8.49
N VAL C 137 -5.01 -5.57 -8.24
CA VAL C 137 -4.34 -6.30 -9.30
C VAL C 137 -4.61 -7.78 -9.10
N VAL C 138 -4.39 -8.54 -10.16
CA VAL C 138 -4.56 -9.99 -10.14
C VAL C 138 -3.18 -10.48 -10.57
N ASP C 139 -2.36 -10.79 -9.58
CA ASP C 139 -0.99 -11.23 -9.79
C ASP C 139 -0.88 -12.74 -9.87
N GLY C 140 -0.73 -13.26 -11.08
CA GLY C 140 -0.60 -14.70 -11.23
C GLY C 140 -1.88 -15.48 -10.98
N HIS C 141 -1.73 -16.73 -10.54
CA HIS C 141 -2.87 -17.60 -10.30
C HIS C 141 -3.05 -18.02 -8.86
N SER C 142 -4.25 -18.54 -8.57
CA SER C 142 -4.60 -19.00 -7.24
C SER C 142 -3.82 -20.27 -6.89
N PRO C 143 -3.72 -20.59 -5.60
CA PRO C 143 -2.99 -21.79 -5.15
C PRO C 143 -3.63 -23.09 -5.63
N LEU C 144 -2.78 -24.07 -5.93
CA LEU C 144 -3.24 -25.38 -6.38
C LEU C 144 -3.23 -26.35 -5.20
N GLY C 145 -2.50 -25.98 -4.15
CA GLY C 145 -2.40 -26.82 -2.98
C GLY C 145 -1.46 -26.25 -1.91
N VAL C 146 -1.15 -27.06 -0.91
CA VAL C 146 -0.26 -26.65 0.17
C VAL C 146 1.08 -27.38 0.14
N GLU C 147 2.14 -26.62 0.33
CA GLU C 147 3.51 -27.12 0.34
C GLU C 147 3.71 -28.32 1.28
N THR C 148 4.34 -29.37 0.78
CA THR C 148 4.61 -30.54 1.60
C THR C 148 6.00 -30.39 2.18
N GLU C 149 6.38 -31.26 3.11
CA GLU C 149 7.71 -31.20 3.70
C GLU C 149 8.74 -31.42 2.58
N LYS C 150 8.45 -32.32 1.66
CA LYS C 150 9.37 -32.56 0.55
C LYS C 150 9.49 -31.29 -0.30
N ASP C 151 8.36 -30.62 -0.54
CA ASP C 151 8.33 -29.39 -1.33
C ASP C 151 9.17 -28.32 -0.67
N ARG C 152 9.03 -28.21 0.65
CA ARG C 152 9.78 -27.22 1.41
C ARG C 152 11.27 -27.44 1.22
N GLU C 153 11.72 -28.68 1.31
CA GLU C 153 13.13 -28.99 1.15
C GLU C 153 13.66 -28.58 -0.22
N GLU C 154 12.84 -28.75 -1.25
CA GLU C 154 13.26 -28.37 -2.60
C GLU C 154 13.31 -26.85 -2.74
N ARG C 155 12.40 -26.16 -2.05
CA ARG C 155 12.36 -24.71 -2.09
C ARG C 155 13.61 -24.16 -1.43
N LYS C 156 14.00 -24.76 -0.30
CA LYS C 156 15.19 -24.35 0.43
C LYS C 156 16.43 -24.58 -0.41
N LYS C 157 16.47 -25.74 -1.06
CA LYS C 157 17.61 -26.10 -1.91
C LYS C 157 17.74 -25.11 -3.06
N PHE C 158 16.61 -24.73 -3.64
CA PHE C 158 16.60 -23.79 -4.75
C PHE C 158 17.22 -22.45 -4.34
N LEU C 159 16.83 -21.94 -3.18
CA LEU C 159 17.34 -20.66 -2.71
C LEU C 159 18.81 -20.71 -2.28
N ARG C 160 19.30 -21.90 -1.95
CA ARG C 160 20.67 -22.05 -1.50
C ARG C 160 21.66 -22.52 -2.54
N GLU C 161 21.18 -23.28 -3.52
CA GLU C 161 22.06 -23.80 -4.57
C GLU C 161 21.93 -23.15 -5.94
N VAL C 162 20.45 -22.53 -6.21
CA VAL C 162 20.50 -22.10 -7.60
C VAL C 162 20.80 -20.61 -7.70
N VAL C 163 19.90 -19.87 -6.85
CA VAL C 163 20.06 -18.42 -6.77
C VAL C 163 21.03 -18.00 -5.67
N LYS C 164 21.29 -18.90 -4.73
CA LYS C 164 22.21 -18.66 -3.63
C LYS C 164 21.93 -17.41 -2.80
N TYR C 165 20.65 -17.16 -2.53
CA TYR C 165 20.24 -16.02 -1.75
C TYR C 165 20.21 -16.35 -0.26
N LYS C 166 20.28 -17.64 0.07
CA LYS C 166 20.30 -18.11 1.45
C LYS C 166 21.47 -19.07 1.64
N LEU C 167 21.87 -19.27 2.87
CA LEU C 167 22.97 -20.19 3.16
C LEU C 167 22.44 -21.48 3.77
#